data_1SOV
#
_entry.id   1SOV
#
_cell.length_a   142.939
_cell.length_b   142.939
_cell.length_c   164.518
_cell.angle_alpha   90.00
_cell.angle_beta   90.00
_cell.angle_gamma   90.00
#
_symmetry.space_group_name_H-M   'I 41 2 2'
#
loop_
_entity.id
_entity.type
_entity.pdbx_description
1 polymer 'L-lactate dehydrogenase'
2 water water
#
_entity_poly.entity_id   1
_entity_poly.type   'polypeptide(L)'
_entity_poly.pdbx_seq_one_letter_code
;MTGTVSRRKKIAMIGSGMIGGTMGYLCVLRELADVVLFDVVTGMPEGKALDDSQATSIADTNVSVTSANQYEKIAGSDVV
IITAGLTKVPGKSDKEWSRNDLLPFNAKIIREVAQGVKKYCPLAFVIVVTNPLDCMVKCFHEASGLPKNMVCGMANVLDS
ARFRRFIADQLEISPRDIQATVIGTHGDHMLPLARYVTVNGFPLREFIKKGKMTEAKLAEIVERTKKAGGEIVRLLGQGS
AYYAPALSAITMAQAFLKDEKRVLPCSVYCQGEYGLHDMFIGLPAVIGGGGIEQVIELELTHEEQECFRKSVDDVVELNK
SLAALGPG
;
_entity_poly.pdbx_strand_id   A,B
#
# COMPACT_ATOMS: atom_id res chain seq x y z
N GLY A 3 -3.22 -17.06 0.22
CA GLY A 3 -3.56 -15.85 1.04
C GLY A 3 -5.04 -16.00 1.33
N THR A 4 -5.36 -16.88 2.26
CA THR A 4 -6.75 -17.21 2.59
C THR A 4 -7.65 -16.07 3.13
N VAL A 5 -7.07 -15.10 3.82
CA VAL A 5 -7.89 -14.03 4.36
C VAL A 5 -7.70 -12.70 3.64
N SER A 6 -6.45 -12.23 3.59
CA SER A 6 -6.18 -10.95 2.95
C SER A 6 -5.47 -11.19 1.64
N ARG A 7 -6.15 -10.95 0.51
CA ARG A 7 -5.49 -11.16 -0.77
C ARG A 7 -4.98 -9.83 -1.31
N ARG A 8 -3.96 -9.89 -2.15
CA ARG A 8 -3.42 -8.68 -2.73
C ARG A 8 -4.38 -8.15 -3.77
N LYS A 9 -4.32 -6.84 -4.02
CA LYS A 9 -5.14 -6.25 -5.07
C LYS A 9 -4.53 -6.82 -6.37
N LYS A 10 -5.29 -6.71 -7.45
CA LYS A 10 -4.84 -7.24 -8.74
C LYS A 10 -5.21 -6.25 -9.83
N ILE A 11 -4.24 -5.96 -10.70
CA ILE A 11 -4.46 -5.04 -11.82
C ILE A 11 -4.07 -5.74 -13.14
N ALA A 12 -5.02 -5.77 -14.08
CA ALA A 12 -4.76 -6.36 -15.38
C ALA A 12 -4.46 -5.25 -16.38
N MET A 13 -3.32 -5.39 -17.06
CA MET A 13 -2.90 -4.44 -18.07
C MET A 13 -3.31 -5.06 -19.42
N ILE A 14 -4.40 -4.57 -20.00
CA ILE A 14 -4.86 -5.09 -21.29
C ILE A 14 -4.08 -4.32 -22.32
N GLY A 15 -2.99 -4.93 -22.77
CA GLY A 15 -2.08 -4.30 -23.70
C GLY A 15 -0.76 -4.28 -22.93
N SER A 16 0.23 -4.99 -23.44
CA SER A 16 1.52 -5.08 -22.77
C SER A 16 2.67 -4.40 -23.52
N GLY A 17 2.37 -3.24 -24.12
CA GLY A 17 3.38 -2.47 -24.81
C GLY A 17 4.18 -1.67 -23.77
N MET A 18 4.84 -0.60 -24.18
CA MET A 18 5.66 0.20 -23.27
C MET A 18 4.90 0.70 -22.04
N ILE A 19 3.71 1.24 -22.23
CA ILE A 19 2.94 1.74 -21.09
C ILE A 19 2.54 0.58 -20.17
N GLY A 20 1.97 -0.49 -20.74
CA GLY A 20 1.58 -1.64 -19.94
C GLY A 20 2.72 -2.25 -19.12
N GLY A 21 3.87 -2.49 -19.75
CA GLY A 21 4.97 -3.06 -18.99
C GLY A 21 5.46 -2.12 -17.89
N THR A 22 5.38 -0.82 -18.15
CA THR A 22 5.86 0.16 -17.19
C THR A 22 4.89 0.30 -16.01
N MET A 23 3.59 0.17 -16.26
CA MET A 23 2.61 0.22 -15.17
C MET A 23 2.85 -1.02 -14.29
N GLY A 24 3.19 -2.14 -14.93
CA GLY A 24 3.51 -3.34 -14.18
C GLY A 24 4.72 -3.07 -13.29
N TYR A 25 5.72 -2.40 -13.85
CA TYR A 25 6.92 -2.04 -13.08
C TYR A 25 6.55 -1.19 -11.86
N LEU A 26 5.67 -0.22 -12.04
CA LEU A 26 5.26 0.63 -10.91
C LEU A 26 4.59 -0.20 -9.79
N CYS A 27 3.79 -1.19 -10.19
CA CYS A 27 3.12 -2.05 -9.20
C CYS A 27 4.16 -2.80 -8.40
N VAL A 28 5.23 -3.23 -9.07
CA VAL A 28 6.31 -3.94 -8.40
C VAL A 28 7.05 -3.00 -7.43
N LEU A 29 7.41 -1.82 -7.90
CA LEU A 29 8.13 -0.88 -7.05
C LEU A 29 7.37 -0.48 -5.78
N ARG A 30 6.08 -0.25 -5.93
CA ARG A 30 5.23 0.18 -4.81
C ARG A 30 4.52 -0.97 -4.11
N GLU A 31 4.73 -2.19 -4.61
CA GLU A 31 4.04 -3.38 -4.10
C GLU A 31 2.54 -3.03 -4.07
N LEU A 32 2.06 -2.39 -5.14
CA LEU A 32 0.66 -1.95 -5.23
C LEU A 32 -0.33 -3.08 -5.48
N ALA A 33 0.07 -4.05 -6.29
CA ALA A 33 -0.83 -5.12 -6.66
C ALA A 33 -0.14 -6.18 -7.50
N ASP A 34 -0.79 -7.35 -7.59
CA ASP A 34 -0.34 -8.42 -8.46
C ASP A 34 -0.68 -7.85 -9.83
N VAL A 35 0.05 -8.29 -10.85
CA VAL A 35 -0.12 -7.78 -12.21
C VAL A 35 -0.30 -8.85 -13.26
N VAL A 36 -1.22 -8.61 -14.19
CA VAL A 36 -1.38 -9.51 -15.31
C VAL A 36 -1.07 -8.68 -16.57
N LEU A 37 -0.04 -9.09 -17.30
CA LEU A 37 0.33 -8.42 -18.54
C LEU A 37 -0.35 -9.21 -19.66
N PHE A 38 -1.48 -8.68 -20.11
CA PHE A 38 -2.30 -9.29 -21.14
C PHE A 38 -2.03 -8.69 -22.51
N ASP A 39 -2.02 -9.55 -23.51
CA ASP A 39 -1.85 -9.10 -24.89
C ASP A 39 -2.21 -10.22 -25.84
N VAL A 40 -2.71 -9.85 -27.01
CA VAL A 40 -3.03 -10.84 -28.03
C VAL A 40 -1.71 -11.38 -28.56
N VAL A 41 -0.68 -10.53 -28.54
CA VAL A 41 0.63 -10.95 -28.99
C VAL A 41 1.22 -11.85 -27.91
N THR A 42 1.74 -13.03 -28.30
CA THR A 42 2.34 -13.93 -27.33
C THR A 42 3.86 -13.81 -27.39
N GLY A 43 4.52 -14.20 -26.31
CA GLY A 43 5.97 -14.10 -26.26
C GLY A 43 6.42 -12.87 -25.51
N MET A 44 6.32 -11.72 -26.15
CA MET A 44 6.74 -10.47 -25.53
C MET A 44 6.15 -10.20 -24.13
N PRO A 45 4.84 -10.41 -23.94
CA PRO A 45 4.30 -10.15 -22.58
C PRO A 45 4.95 -11.05 -21.53
N GLU A 46 5.20 -12.31 -21.89
CA GLU A 46 5.84 -13.22 -20.94
C GLU A 46 7.27 -12.74 -20.62
N GLY A 47 7.94 -12.18 -21.62
CA GLY A 47 9.29 -11.66 -21.39
C GLY A 47 9.27 -10.49 -20.40
N LYS A 48 8.33 -9.58 -20.60
CA LYS A 48 8.21 -8.43 -19.72
C LYS A 48 7.76 -8.84 -18.33
N ALA A 49 6.92 -9.86 -18.25
CA ALA A 49 6.46 -10.34 -16.95
C ALA A 49 7.64 -10.91 -16.17
N LEU A 50 8.52 -11.64 -16.84
CA LEU A 50 9.70 -12.20 -16.18
C LEU A 50 10.60 -11.07 -15.65
N ASP A 51 10.81 -10.06 -16.47
CA ASP A 51 11.67 -8.90 -16.14
C ASP A 51 11.05 -8.14 -14.95
N ASP A 52 9.76 -7.81 -15.05
CA ASP A 52 9.10 -7.12 -13.94
C ASP A 52 9.06 -7.97 -12.66
N SER A 53 8.80 -9.28 -12.77
CA SER A 53 8.76 -10.10 -11.56
C SER A 53 10.15 -10.18 -10.92
N GLN A 54 11.19 -10.21 -11.75
CA GLN A 54 12.54 -10.29 -11.20
C GLN A 54 12.89 -8.99 -10.47
N ALA A 55 12.28 -7.90 -10.85
CA ALA A 55 12.55 -6.66 -10.16
C ALA A 55 12.03 -6.69 -8.71
N THR A 56 11.04 -7.55 -8.40
CA THR A 56 10.53 -7.59 -7.01
C THR A 56 11.65 -7.92 -6.03
N SER A 57 12.58 -8.78 -6.44
CA SER A 57 13.68 -9.16 -5.56
C SER A 57 14.51 -7.97 -5.14
N ILE A 58 14.87 -7.14 -6.10
CA ILE A 58 15.70 -5.97 -5.81
C ILE A 58 14.94 -4.89 -5.03
N ALA A 59 13.65 -4.78 -5.29
CA ALA A 59 12.81 -3.80 -4.60
C ALA A 59 12.43 -4.33 -3.23
N ASP A 60 12.71 -5.60 -2.99
CA ASP A 60 12.36 -6.29 -1.73
C ASP A 60 10.85 -6.28 -1.52
N THR A 61 10.10 -6.37 -2.61
CA THR A 61 8.64 -6.39 -2.53
C THR A 61 8.16 -7.78 -2.94
N ASN A 62 6.87 -8.04 -2.79
CA ASN A 62 6.35 -9.34 -3.22
C ASN A 62 4.97 -9.22 -3.85
N VAL A 63 4.95 -9.18 -5.18
CA VAL A 63 3.70 -9.20 -5.93
C VAL A 63 4.00 -10.19 -7.05
N SER A 64 2.94 -10.73 -7.62
CA SER A 64 3.05 -11.68 -8.70
C SER A 64 2.89 -10.95 -10.02
N VAL A 65 3.78 -11.20 -10.98
CA VAL A 65 3.65 -10.60 -12.31
C VAL A 65 3.63 -11.75 -13.31
N THR A 66 2.53 -11.88 -14.04
CA THR A 66 2.38 -12.96 -15.02
C THR A 66 1.85 -12.38 -16.33
N SER A 67 1.90 -13.17 -17.39
CA SER A 67 1.40 -12.71 -18.68
C SER A 67 0.21 -13.56 -19.07
N ALA A 68 -0.54 -13.10 -20.06
CA ALA A 68 -1.70 -13.87 -20.49
C ALA A 68 -2.17 -13.41 -21.86
N ASN A 69 -2.88 -14.29 -22.56
CA ASN A 69 -3.46 -13.92 -23.83
C ASN A 69 -4.90 -14.41 -23.85
N GLN A 70 -5.38 -14.82 -22.67
CA GLN A 70 -6.77 -15.29 -22.52
C GLN A 70 -7.47 -14.42 -21.47
N TYR A 71 -8.66 -13.92 -21.77
CA TYR A 71 -9.38 -13.07 -20.81
C TYR A 71 -9.71 -13.74 -19.49
N GLU A 72 -9.80 -15.07 -19.49
CA GLU A 72 -10.08 -15.81 -18.26
C GLU A 72 -9.04 -15.44 -17.20
N LYS A 73 -7.84 -15.08 -17.64
CA LYS A 73 -6.77 -14.72 -16.70
C LYS A 73 -6.94 -13.36 -16.04
N ILE A 74 -7.87 -12.55 -16.50
CA ILE A 74 -8.05 -11.25 -15.84
C ILE A 74 -9.16 -11.32 -14.80
N ALA A 75 -9.72 -12.52 -14.59
CA ALA A 75 -10.77 -12.69 -13.59
C ALA A 75 -10.19 -12.30 -12.23
N GLY A 76 -11.01 -11.64 -11.42
CA GLY A 76 -10.55 -11.22 -10.10
C GLY A 76 -9.83 -9.88 -10.08
N SER A 77 -9.65 -9.26 -11.24
CA SER A 77 -8.96 -7.96 -11.29
C SER A 77 -9.79 -6.87 -10.63
N ASP A 78 -9.12 -6.08 -9.80
CA ASP A 78 -9.76 -4.94 -9.13
C ASP A 78 -9.77 -3.74 -10.07
N VAL A 79 -8.71 -3.65 -10.88
CA VAL A 79 -8.59 -2.58 -11.84
C VAL A 79 -8.10 -3.16 -13.16
N VAL A 80 -8.59 -2.61 -14.26
CA VAL A 80 -8.17 -3.03 -15.58
C VAL A 80 -7.71 -1.73 -16.27
N ILE A 81 -6.50 -1.72 -16.82
CA ILE A 81 -5.99 -0.54 -17.51
C ILE A 81 -5.74 -0.95 -18.96
N ILE A 82 -6.49 -0.32 -19.87
CA ILE A 82 -6.44 -0.68 -21.28
C ILE A 82 -5.64 0.24 -22.19
N THR A 83 -4.58 -0.31 -22.76
CA THR A 83 -3.77 0.46 -23.70
C THR A 83 -3.79 -0.25 -25.06
N ALA A 84 -4.51 -1.37 -25.14
CA ALA A 84 -4.62 -2.12 -26.40
C ALA A 84 -5.20 -1.25 -27.50
N GLY A 85 -4.77 -1.50 -28.73
CA GLY A 85 -5.29 -0.71 -29.84
C GLY A 85 -4.18 -0.21 -30.75
N LEU A 86 -4.54 0.04 -32.00
CA LEU A 86 -3.58 0.54 -32.98
C LEU A 86 -3.15 1.94 -32.58
N THR A 87 -1.90 2.27 -32.89
CA THR A 87 -1.38 3.60 -32.58
C THR A 87 -1.26 4.42 -33.86
N LYS A 88 -1.44 3.74 -35.00
CA LYS A 88 -1.39 4.38 -36.31
C LYS A 88 -2.27 3.59 -37.29
N VAL A 89 -2.86 4.28 -38.26
CA VAL A 89 -3.71 3.59 -39.24
C VAL A 89 -2.82 2.71 -40.13
N PRO A 90 -3.21 1.45 -40.34
CA PRO A 90 -2.43 0.53 -41.17
C PRO A 90 -2.02 1.13 -42.52
N SER A 98 -4.37 10.91 -38.17
CA SER A 98 -5.29 11.45 -37.16
C SER A 98 -5.85 10.37 -36.23
N ARG A 99 -5.75 10.58 -34.92
CA ARG A 99 -6.28 9.61 -33.96
C ARG A 99 -7.76 9.35 -34.21
N ASN A 100 -8.46 10.39 -34.65
CA ASN A 100 -9.88 10.26 -34.98
C ASN A 100 -10.09 9.11 -35.97
N ASP A 101 -9.13 8.92 -36.87
CA ASP A 101 -9.23 7.87 -37.88
C ASP A 101 -9.05 6.46 -37.35
N LEU A 102 -8.47 6.33 -36.16
CA LEU A 102 -8.27 5.01 -35.55
C LEU A 102 -9.61 4.42 -35.11
N LEU A 103 -10.62 5.28 -34.99
CA LEU A 103 -11.95 4.89 -34.55
C LEU A 103 -12.42 3.49 -34.95
N PRO A 104 -12.51 3.23 -36.26
CA PRO A 104 -12.96 1.91 -36.73
C PRO A 104 -12.20 0.76 -36.10
N PHE A 105 -10.89 0.79 -36.26
CA PHE A 105 -10.01 -0.27 -35.78
C PHE A 105 -9.99 -0.45 -34.26
N ASN A 106 -9.90 0.65 -33.53
CA ASN A 106 -9.84 0.55 -32.09
C ASN A 106 -11.19 0.28 -31.43
N ALA A 107 -12.28 0.69 -32.08
CA ALA A 107 -13.59 0.44 -31.51
C ALA A 107 -13.80 -1.07 -31.45
N LYS A 108 -13.31 -1.78 -32.47
CA LYS A 108 -13.46 -3.23 -32.52
C LYS A 108 -12.66 -3.88 -31.39
N ILE A 109 -11.44 -3.40 -31.18
CA ILE A 109 -10.59 -3.93 -30.15
C ILE A 109 -11.16 -3.62 -28.77
N ILE A 110 -11.62 -2.39 -28.59
CA ILE A 110 -12.19 -1.98 -27.32
C ILE A 110 -13.45 -2.79 -27.02
N ARG A 111 -14.23 -3.10 -28.05
CA ARG A 111 -15.42 -3.91 -27.83
C ARG A 111 -15.05 -5.33 -27.40
N GLU A 112 -13.96 -5.86 -27.96
CA GLU A 112 -13.54 -7.20 -27.57
C GLU A 112 -13.10 -7.17 -26.10
N VAL A 113 -12.36 -6.13 -25.73
CA VAL A 113 -11.91 -5.97 -24.35
C VAL A 113 -13.12 -5.84 -23.41
N ALA A 114 -14.12 -5.06 -23.84
CA ALA A 114 -15.32 -4.85 -23.06
C ALA A 114 -16.03 -6.20 -22.81
N GLN A 115 -16.04 -7.05 -23.82
CA GLN A 115 -16.65 -8.36 -23.69
C GLN A 115 -15.90 -9.18 -22.66
N GLY A 116 -14.57 -9.09 -22.72
CA GLY A 116 -13.75 -9.83 -21.78
C GLY A 116 -13.96 -9.38 -20.35
N VAL A 117 -14.03 -8.07 -20.13
CA VAL A 117 -14.21 -7.51 -18.78
C VAL A 117 -15.62 -7.79 -18.24
N LYS A 118 -16.60 -7.61 -19.11
CA LYS A 118 -18.00 -7.83 -18.78
C LYS A 118 -18.21 -9.24 -18.25
N LYS A 119 -17.51 -10.19 -18.85
CA LYS A 119 -17.65 -11.60 -18.48
C LYS A 119 -16.80 -12.04 -17.31
N TYR A 120 -15.53 -11.63 -17.32
CA TYR A 120 -14.60 -12.09 -16.31
C TYR A 120 -14.31 -11.23 -15.08
N CYS A 121 -14.44 -9.92 -15.19
CA CYS A 121 -14.21 -9.08 -14.02
C CYS A 121 -15.10 -7.85 -14.11
N PRO A 122 -16.43 -8.07 -14.12
CA PRO A 122 -17.39 -6.98 -14.22
C PRO A 122 -17.40 -5.96 -13.08
N LEU A 123 -16.79 -6.29 -11.95
CA LEU A 123 -16.78 -5.37 -10.82
C LEU A 123 -15.49 -4.55 -10.77
N ALA A 124 -14.67 -4.66 -11.82
CA ALA A 124 -13.42 -3.91 -11.87
C ALA A 124 -13.61 -2.42 -12.17
N PHE A 125 -12.63 -1.63 -11.74
CA PHE A 125 -12.60 -0.20 -12.03
C PHE A 125 -11.76 -0.21 -13.32
N VAL A 126 -12.27 0.43 -14.36
CA VAL A 126 -11.61 0.44 -15.67
C VAL A 126 -11.05 1.78 -16.10
N ILE A 127 -9.77 1.79 -16.47
CA ILE A 127 -9.12 3.00 -16.93
C ILE A 127 -8.72 2.77 -18.39
N VAL A 128 -9.38 3.48 -19.29
CA VAL A 128 -9.07 3.35 -20.71
C VAL A 128 -7.96 4.33 -21.08
N VAL A 129 -7.03 3.89 -21.95
CA VAL A 129 -5.96 4.78 -22.40
C VAL A 129 -5.98 4.90 -23.95
N THR A 130 -6.50 3.88 -24.59
CA THR A 130 -6.64 3.76 -26.05
C THR A 130 -7.22 4.99 -26.76
N ASN A 131 -6.57 5.42 -27.85
CA ASN A 131 -7.04 6.58 -28.64
C ASN A 131 -8.03 6.17 -29.75
N PRO A 132 -8.96 7.08 -30.14
CA PRO A 132 -9.18 8.44 -29.62
C PRO A 132 -9.85 8.23 -28.26
N LEU A 133 -9.18 8.67 -27.21
CA LEU A 133 -9.62 8.44 -25.83
C LEU A 133 -11.08 8.61 -25.44
N ASP A 134 -11.57 9.85 -25.43
CA ASP A 134 -12.95 10.10 -25.00
C ASP A 134 -13.98 9.24 -25.72
N CYS A 135 -13.77 9.04 -27.01
CA CYS A 135 -14.67 8.22 -27.81
C CYS A 135 -14.53 6.74 -27.42
N MET A 136 -13.29 6.29 -27.20
CA MET A 136 -13.07 4.89 -26.81
C MET A 136 -13.63 4.60 -25.40
N VAL A 137 -13.64 5.58 -24.50
CA VAL A 137 -14.19 5.36 -23.16
C VAL A 137 -15.68 5.11 -23.30
N LYS A 138 -16.29 5.92 -24.16
CA LYS A 138 -17.72 5.80 -24.42
C LYS A 138 -17.99 4.43 -25.02
N CYS A 139 -17.17 4.04 -25.99
CA CYS A 139 -17.29 2.75 -26.63
C CYS A 139 -17.18 1.62 -25.62
N PHE A 140 -16.20 1.71 -24.71
CA PHE A 140 -16.05 0.66 -23.72
C PHE A 140 -17.25 0.60 -22.78
N HIS A 141 -17.70 1.77 -22.33
CA HIS A 141 -18.84 1.81 -21.41
C HIS A 141 -20.10 1.18 -22.04
N GLU A 142 -20.37 1.54 -23.29
CA GLU A 142 -21.54 1.03 -23.98
C GLU A 142 -21.44 -0.48 -24.19
N ALA A 143 -20.27 -0.96 -24.58
CA ALA A 143 -20.13 -2.38 -24.83
C ALA A 143 -20.04 -3.23 -23.56
N SER A 144 -19.45 -2.69 -22.50
CA SER A 144 -19.27 -3.46 -21.28
C SER A 144 -20.47 -3.47 -20.34
N GLY A 145 -21.25 -2.39 -20.35
CA GLY A 145 -22.41 -2.30 -19.49
C GLY A 145 -22.03 -2.01 -18.04
N LEU A 146 -20.76 -1.69 -17.80
CA LEU A 146 -20.31 -1.39 -16.44
C LEU A 146 -20.93 -0.10 -15.91
N PRO A 147 -20.97 0.07 -14.57
CA PRO A 147 -21.53 1.28 -13.95
C PRO A 147 -20.74 2.49 -14.43
N LYS A 148 -21.43 3.59 -14.65
CA LYS A 148 -20.77 4.81 -15.14
C LYS A 148 -19.64 5.33 -14.24
N ASN A 149 -19.74 5.08 -12.94
CA ASN A 149 -18.70 5.54 -12.02
C ASN A 149 -17.47 4.62 -12.01
N MET A 150 -17.55 3.50 -12.70
CA MET A 150 -16.43 2.56 -12.72
C MET A 150 -15.66 2.52 -14.04
N VAL A 151 -15.88 3.53 -14.87
CA VAL A 151 -15.21 3.59 -16.16
C VAL A 151 -14.71 5.01 -16.37
N CYS A 152 -13.47 5.14 -16.78
CA CYS A 152 -12.90 6.46 -17.05
C CYS A 152 -11.73 6.31 -18.02
N GLY A 153 -11.20 7.46 -18.46
CA GLY A 153 -10.07 7.43 -19.39
C GLY A 153 -8.92 8.30 -18.92
N MET A 154 -7.70 7.82 -19.12
CA MET A 154 -6.54 8.58 -18.73
C MET A 154 -6.03 9.45 -19.88
N ALA A 155 -5.92 10.74 -19.62
CA ALA A 155 -5.34 11.68 -20.57
C ALA A 155 -4.96 12.96 -19.84
N ASN A 156 -5.95 13.59 -19.24
CA ASN A 156 -5.71 14.87 -18.57
C ASN A 156 -4.72 14.88 -17.40
N VAL A 157 -4.51 13.76 -16.73
CA VAL A 157 -3.54 13.75 -15.63
C VAL A 157 -2.15 13.93 -16.26
N LEU A 158 -1.94 13.29 -17.41
CA LEU A 158 -0.67 13.41 -18.13
C LEU A 158 -0.54 14.85 -18.69
N ASP A 159 -1.60 15.36 -19.30
CA ASP A 159 -1.57 16.72 -19.86
C ASP A 159 -1.27 17.69 -18.74
N SER A 160 -1.88 17.47 -17.57
CA SER A 160 -1.65 18.36 -16.44
C SER A 160 -0.23 18.24 -15.85
N ALA A 161 0.33 17.02 -15.89
CA ALA A 161 1.70 16.81 -15.40
C ALA A 161 2.67 17.68 -16.21
N ARG A 162 2.42 17.77 -17.52
CA ARG A 162 3.25 18.60 -18.40
C ARG A 162 3.07 20.06 -18.06
N PHE A 163 1.81 20.50 -17.98
CA PHE A 163 1.47 21.89 -17.66
C PHE A 163 2.18 22.27 -16.34
N ARG A 164 2.06 21.39 -15.35
CA ARG A 164 2.69 21.63 -14.05
C ARG A 164 4.20 21.67 -14.08
N ARG A 165 4.82 20.74 -14.81
CA ARG A 165 6.29 20.70 -14.87
C ARG A 165 6.83 21.99 -15.52
N PHE A 166 6.17 22.44 -16.59
CA PHE A 166 6.62 23.66 -17.26
C PHE A 166 6.51 24.86 -16.33
N ILE A 167 5.39 24.96 -15.61
CA ILE A 167 5.19 26.07 -14.68
C ILE A 167 6.19 25.98 -13.53
N ALA A 168 6.39 24.75 -13.03
CA ALA A 168 7.33 24.53 -11.95
C ALA A 168 8.74 24.99 -12.32
N ASP A 169 9.15 24.68 -13.54
CA ASP A 169 10.48 25.06 -14.01
C ASP A 169 10.62 26.59 -14.03
N GLN A 170 9.59 27.29 -14.51
CA GLN A 170 9.67 28.73 -14.58
C GLN A 170 9.70 29.43 -13.23
N LEU A 171 8.88 28.96 -12.28
CA LEU A 171 8.79 29.59 -10.97
C LEU A 171 9.81 29.08 -9.95
N GLU A 172 10.53 28.03 -10.31
CA GLU A 172 11.51 27.43 -9.43
C GLU A 172 10.84 26.91 -8.15
N ILE A 173 9.78 26.14 -8.36
CA ILE A 173 9.01 25.55 -7.26
C ILE A 173 8.71 24.09 -7.65
N SER A 174 8.67 23.19 -6.69
CA SER A 174 8.37 21.80 -6.99
C SER A 174 6.98 21.67 -7.65
N PRO A 175 6.84 20.71 -8.59
CA PRO A 175 5.53 20.57 -9.21
C PRO A 175 4.48 20.07 -8.17
N ARG A 176 4.93 19.56 -7.03
CA ARG A 176 3.98 19.13 -5.99
C ARG A 176 3.12 20.35 -5.64
N ASP A 177 3.76 21.51 -5.61
CA ASP A 177 3.07 22.73 -5.25
C ASP A 177 2.50 23.56 -6.38
N ILE A 178 2.49 23.00 -7.57
CA ILE A 178 1.86 23.69 -8.69
C ILE A 178 0.57 22.94 -9.00
N GLN A 179 -0.57 23.60 -8.88
CA GLN A 179 -1.83 22.96 -9.23
C GLN A 179 -2.19 23.54 -10.60
N ALA A 180 -2.18 22.71 -11.63
CA ALA A 180 -2.51 23.15 -13.00
C ALA A 180 -3.31 22.01 -13.57
N THR A 181 -4.37 22.38 -14.28
CA THR A 181 -5.29 21.39 -14.82
C THR A 181 -5.63 21.60 -16.27
N VAL A 182 -5.69 20.49 -17.00
CA VAL A 182 -6.07 20.52 -18.40
C VAL A 182 -7.38 19.71 -18.49
N ILE A 183 -8.35 20.20 -19.25
CA ILE A 183 -9.60 19.44 -19.41
C ILE A 183 -9.87 19.32 -20.90
N GLY A 184 -10.95 18.65 -21.26
CA GLY A 184 -11.29 18.51 -22.67
C GLY A 184 -10.87 17.22 -23.33
N THR A 185 -10.67 17.27 -24.64
CA THR A 185 -10.32 16.09 -25.40
C THR A 185 -8.85 16.13 -25.87
N HIS A 186 -8.50 15.30 -26.84
CA HIS A 186 -7.11 15.26 -27.31
C HIS A 186 -6.83 16.29 -28.38
N GLY A 187 -5.55 16.60 -28.57
CA GLY A 187 -5.18 17.54 -29.60
C GLY A 187 -5.14 18.99 -29.17
N ASP A 188 -5.10 19.86 -30.17
CA ASP A 188 -5.03 21.28 -29.90
C ASP A 188 -6.28 21.80 -29.20
N HIS A 189 -7.31 20.98 -29.15
CA HIS A 189 -8.51 21.41 -28.46
C HIS A 189 -8.42 21.16 -26.96
N MET A 190 -7.44 20.38 -26.49
CA MET A 190 -7.30 20.15 -25.06
C MET A 190 -7.25 21.56 -24.44
N LEU A 191 -7.74 21.68 -23.22
CA LEU A 191 -7.81 22.99 -22.61
C LEU A 191 -7.05 23.22 -21.31
N PRO A 192 -5.81 23.73 -21.41
CA PRO A 192 -5.03 23.97 -20.18
C PRO A 192 -5.71 25.20 -19.56
N LEU A 193 -6.23 25.05 -18.33
CA LEU A 193 -6.94 26.12 -17.66
C LEU A 193 -6.02 27.11 -16.98
N ALA A 194 -5.55 28.09 -17.75
CA ALA A 194 -4.64 29.09 -17.25
C ALA A 194 -5.13 29.83 -16.01
N ARG A 195 -6.41 30.17 -16.00
CA ARG A 195 -6.98 30.91 -14.87
C ARG A 195 -6.95 30.14 -13.56
N TYR A 196 -6.98 28.80 -13.64
CA TYR A 196 -6.99 28.00 -12.42
C TYR A 196 -5.63 27.47 -11.99
N VAL A 197 -4.55 28.03 -12.52
CA VAL A 197 -3.25 27.57 -12.08
C VAL A 197 -2.94 28.25 -10.74
N THR A 198 -2.49 27.47 -9.75
CA THR A 198 -2.13 28.07 -8.47
C THR A 198 -0.80 27.52 -7.94
N VAL A 199 -0.19 28.31 -7.08
CA VAL A 199 1.03 27.90 -6.41
C VAL A 199 0.49 27.73 -4.98
N ASN A 200 0.34 26.47 -4.54
CA ASN A 200 -0.24 26.16 -3.22
C ASN A 200 -1.50 27.00 -2.97
N GLY A 201 -2.39 27.02 -3.95
CA GLY A 201 -3.63 27.75 -3.82
C GLY A 201 -3.59 29.23 -4.13
N PHE A 202 -2.38 29.79 -4.26
CA PHE A 202 -2.21 31.21 -4.57
C PHE A 202 -2.31 31.34 -6.09
N PRO A 203 -3.22 32.20 -6.60
CA PRO A 203 -3.37 32.35 -8.06
C PRO A 203 -2.07 32.72 -8.80
N LEU A 204 -1.83 32.06 -9.92
CA LEU A 204 -0.65 32.35 -10.74
C LEU A 204 -0.63 33.86 -11.10
N ARG A 205 -1.81 34.46 -11.27
CA ARG A 205 -1.85 35.89 -11.59
C ARG A 205 -1.05 36.73 -10.58
N GLU A 206 -1.04 36.33 -9.31
CA GLU A 206 -0.27 37.10 -8.33
C GLU A 206 1.22 36.99 -8.63
N PHE A 207 1.66 35.84 -9.09
CA PHE A 207 3.07 35.66 -9.41
C PHE A 207 3.44 36.44 -10.67
N ILE A 208 2.55 36.46 -11.64
CA ILE A 208 2.78 37.18 -12.88
C ILE A 208 2.88 38.67 -12.54
N LYS A 209 1.99 39.14 -11.66
CA LYS A 209 2.01 40.55 -11.25
C LYS A 209 3.29 40.93 -10.51
N LYS A 210 3.90 39.96 -9.83
CA LYS A 210 5.15 40.22 -9.11
C LYS A 210 6.36 39.94 -10.00
N GLY A 211 6.10 39.70 -11.28
CA GLY A 211 7.18 39.47 -12.23
C GLY A 211 7.91 38.14 -12.20
N LYS A 212 7.28 37.10 -11.66
CA LYS A 212 7.95 35.80 -11.61
C LYS A 212 7.72 35.04 -12.91
N MET A 213 6.81 35.54 -13.73
CA MET A 213 6.45 34.95 -15.00
C MET A 213 5.66 36.01 -15.78
N THR A 214 5.79 36.02 -17.10
CA THR A 214 5.05 36.99 -17.92
C THR A 214 3.83 36.31 -18.52
N GLU A 215 2.86 37.09 -18.97
CA GLU A 215 1.68 36.52 -19.62
C GLU A 215 2.12 35.81 -20.91
N ALA A 216 3.17 36.33 -21.56
CA ALA A 216 3.67 35.70 -22.78
C ALA A 216 4.21 34.30 -22.49
N LYS A 217 4.94 34.18 -21.38
CA LYS A 217 5.52 32.91 -20.99
C LYS A 217 4.41 31.91 -20.66
N LEU A 218 3.37 32.40 -19.99
CA LEU A 218 2.23 31.53 -19.67
C LEU A 218 1.59 31.04 -20.95
N ALA A 219 1.37 31.93 -21.90
CA ALA A 219 0.77 31.54 -23.18
C ALA A 219 1.67 30.50 -23.84
N GLU A 220 2.99 30.69 -23.75
CA GLU A 220 3.93 29.74 -24.35
C GLU A 220 3.79 28.36 -23.70
N ILE A 221 3.69 28.36 -22.37
CA ILE A 221 3.53 27.12 -21.60
C ILE A 221 2.22 26.39 -21.95
N VAL A 222 1.15 27.15 -22.14
CA VAL A 222 -0.14 26.58 -22.53
C VAL A 222 0.01 25.87 -23.88
N GLU A 223 0.68 26.52 -24.82
CA GLU A 223 0.91 25.93 -26.14
C GLU A 223 1.86 24.72 -26.05
N ARG A 224 2.91 24.82 -25.24
CA ARG A 224 3.82 23.67 -25.11
C ARG A 224 3.09 22.47 -24.52
N THR A 225 2.13 22.73 -23.63
CA THR A 225 1.36 21.65 -23.00
C THR A 225 0.59 20.89 -24.08
N LYS A 226 -0.02 21.63 -25.00
CA LYS A 226 -0.77 21.01 -26.09
C LYS A 226 0.13 20.22 -27.03
N LYS A 227 1.32 20.75 -27.30
CA LYS A 227 2.25 20.10 -28.22
C LYS A 227 3.19 19.06 -27.57
N ALA A 228 3.15 18.94 -26.24
CA ALA A 228 4.09 18.04 -25.56
C ALA A 228 4.14 16.58 -26.03
N GLY A 229 2.98 15.96 -26.20
CA GLY A 229 2.97 14.58 -26.64
C GLY A 229 3.62 14.41 -28.00
N GLY A 230 3.27 15.32 -28.91
CA GLY A 230 3.80 15.27 -30.27
C GLY A 230 5.31 15.46 -30.28
N GLU A 231 5.82 16.33 -29.41
CA GLU A 231 7.25 16.56 -29.31
C GLU A 231 7.99 15.29 -28.91
N ILE A 232 7.44 14.55 -27.96
CA ILE A 232 8.11 13.32 -27.54
C ILE A 232 8.04 12.31 -28.69
N VAL A 233 6.90 12.23 -29.37
CA VAL A 233 6.77 11.31 -30.50
C VAL A 233 7.85 11.66 -31.54
N ARG A 234 8.00 12.95 -31.79
CA ARG A 234 8.97 13.46 -32.76
C ARG A 234 10.39 13.08 -32.35
N LEU A 235 10.72 13.34 -31.10
CA LEU A 235 12.06 13.05 -30.57
C LEU A 235 12.41 11.57 -30.40
N LEU A 236 11.48 10.74 -29.93
CA LEU A 236 11.79 9.33 -29.78
C LEU A 236 12.00 8.70 -31.15
N GLY A 237 11.30 9.23 -32.16
CA GLY A 237 11.45 8.69 -33.49
C GLY A 237 10.53 7.51 -33.73
N GLN A 238 10.27 6.75 -32.67
CA GLN A 238 9.36 5.60 -32.76
C GLN A 238 8.51 5.50 -31.49
N GLY A 239 7.21 5.30 -31.65
CA GLY A 239 6.33 5.18 -30.51
C GLY A 239 6.05 6.52 -29.86
N SER A 240 5.56 6.49 -28.61
CA SER A 240 5.24 7.73 -27.91
C SER A 240 5.65 7.63 -26.46
N ALA A 241 5.35 8.68 -25.70
CA ALA A 241 5.73 8.73 -24.28
C ALA A 241 5.14 7.54 -23.52
N TYR A 242 5.83 7.09 -22.47
CA TYR A 242 5.29 5.99 -21.66
C TYR A 242 5.59 6.09 -20.17
N TYR A 243 6.66 6.80 -19.79
CA TYR A 243 6.95 6.89 -18.35
C TYR A 243 5.91 7.72 -17.60
N ALA A 244 5.62 8.93 -18.08
CA ALA A 244 4.63 9.76 -17.41
C ALA A 244 3.21 9.19 -17.63
N PRO A 245 2.91 8.66 -18.84
CA PRO A 245 1.56 8.10 -19.05
C PRO A 245 1.30 6.92 -18.09
N ALA A 246 2.31 6.06 -17.91
CA ALA A 246 2.14 4.90 -17.03
C ALA A 246 1.91 5.33 -15.58
N LEU A 247 2.66 6.33 -15.13
CA LEU A 247 2.51 6.83 -13.76
C LEU A 247 1.16 7.55 -13.59
N SER A 248 0.70 8.23 -14.65
CA SER A 248 -0.60 8.92 -14.59
C SER A 248 -1.73 7.89 -14.37
N ALA A 249 -1.71 6.81 -15.15
CA ALA A 249 -2.72 5.76 -15.04
C ALA A 249 -2.64 5.03 -13.71
N ILE A 250 -1.42 4.72 -13.27
CA ILE A 250 -1.26 3.99 -12.01
C ILE A 250 -1.65 4.86 -10.82
N THR A 251 -1.46 6.18 -10.94
CA THR A 251 -1.84 7.08 -9.85
C THR A 251 -3.39 7.06 -9.76
N MET A 252 -4.06 7.00 -10.90
CA MET A 252 -5.52 6.92 -10.89
C MET A 252 -5.95 5.58 -10.30
N ALA A 253 -5.25 4.51 -10.66
CA ALA A 253 -5.58 3.17 -10.14
C ALA A 253 -5.41 3.07 -8.63
N GLN A 254 -4.32 3.65 -8.12
CA GLN A 254 -4.03 3.63 -6.70
C GLN A 254 -5.07 4.43 -5.91
N ALA A 255 -5.54 5.54 -6.50
CA ALA A 255 -6.53 6.37 -5.81
C ALA A 255 -7.79 5.52 -5.60
N PHE A 256 -8.10 4.69 -6.59
CA PHE A 256 -9.27 3.80 -6.45
C PHE A 256 -8.98 2.70 -5.42
N LEU A 257 -7.88 1.96 -5.64
CA LEU A 257 -7.54 0.84 -4.74
C LEU A 257 -7.44 1.19 -3.28
N LYS A 258 -6.88 2.36 -2.97
CA LYS A 258 -6.72 2.75 -1.59
C LYS A 258 -7.75 3.77 -1.15
N ASP A 259 -8.78 3.95 -1.97
CA ASP A 259 -9.84 4.92 -1.65
C ASP A 259 -9.23 6.23 -1.15
N GLU A 260 -8.33 6.79 -1.96
CA GLU A 260 -7.66 8.01 -1.57
C GLU A 260 -8.44 9.29 -1.74
N LYS A 261 -9.35 9.31 -2.73
CA LYS A 261 -10.16 10.50 -3.00
C LYS A 261 -9.28 11.66 -3.52
N ARG A 262 -8.52 11.35 -4.57
CA ARG A 262 -7.63 12.31 -5.20
C ARG A 262 -8.30 13.02 -6.36
N VAL A 263 -7.99 14.30 -6.51
CA VAL A 263 -8.52 15.08 -7.62
C VAL A 263 -7.58 14.78 -8.79
N LEU A 264 -8.10 14.06 -9.78
CA LEU A 264 -7.31 13.69 -10.95
C LEU A 264 -8.20 13.90 -12.17
N PRO A 265 -7.87 14.90 -13.01
CA PRO A 265 -8.70 15.12 -14.19
C PRO A 265 -8.62 13.91 -15.12
N CYS A 266 -9.77 13.44 -15.59
CA CYS A 266 -9.79 12.29 -16.48
C CYS A 266 -11.10 12.26 -17.24
N SER A 267 -11.19 11.38 -18.24
CA SER A 267 -12.39 11.30 -19.05
C SER A 267 -13.49 10.60 -18.24
N VAL A 268 -14.54 11.36 -17.90
CA VAL A 268 -15.62 10.84 -17.06
C VAL A 268 -17.01 11.01 -17.67
N TYR A 269 -17.92 10.14 -17.24
CA TYR A 269 -19.31 10.17 -17.73
C TYR A 269 -20.05 11.37 -17.18
N CYS A 270 -20.71 12.12 -18.06
CA CYS A 270 -21.46 13.29 -17.68
C CYS A 270 -22.97 13.02 -17.66
N GLN A 271 -23.62 13.47 -16.60
CA GLN A 271 -25.07 13.33 -16.44
C GLN A 271 -25.63 14.69 -16.07
N GLY A 272 -25.23 15.71 -16.82
CA GLY A 272 -25.72 17.05 -16.54
C GLY A 272 -24.61 18.06 -16.29
N GLU A 273 -23.45 17.58 -15.84
CA GLU A 273 -22.35 18.50 -15.56
C GLU A 273 -21.93 19.19 -16.85
N TYR A 274 -21.71 20.50 -16.78
CA TYR A 274 -21.33 21.31 -17.93
C TYR A 274 -22.39 21.24 -19.02
N GLY A 275 -23.61 20.84 -18.65
CA GLY A 275 -24.69 20.72 -19.62
C GLY A 275 -24.55 19.53 -20.55
N LEU A 276 -23.63 18.62 -20.25
CA LEU A 276 -23.39 17.44 -21.10
C LEU A 276 -24.08 16.18 -20.58
N HIS A 277 -24.57 15.36 -21.51
CA HIS A 277 -25.24 14.11 -21.14
C HIS A 277 -24.80 12.94 -21.99
N ASP A 278 -24.81 11.76 -21.38
CA ASP A 278 -24.47 10.51 -22.05
C ASP A 278 -23.20 10.50 -22.89
N MET A 279 -22.14 11.10 -22.37
CA MET A 279 -20.86 11.10 -23.05
C MET A 279 -19.78 11.24 -22.01
N PHE A 280 -18.56 10.91 -22.40
CA PHE A 280 -17.39 11.03 -21.54
C PHE A 280 -16.53 12.14 -22.10
N ILE A 281 -15.93 12.92 -21.23
CA ILE A 281 -14.99 13.94 -21.65
C ILE A 281 -14.10 14.25 -20.47
N GLY A 282 -12.90 14.77 -20.76
CA GLY A 282 -11.94 15.10 -19.71
C GLY A 282 -12.38 16.23 -18.79
N LEU A 283 -12.52 15.91 -17.50
CA LEU A 283 -12.95 16.91 -16.51
C LEU A 283 -12.28 16.63 -15.18
N PRO A 284 -12.22 17.64 -14.28
CA PRO A 284 -11.61 17.40 -12.97
C PRO A 284 -12.58 16.45 -12.26
N ALA A 285 -12.05 15.44 -11.58
CA ALA A 285 -12.86 14.43 -10.92
C ALA A 285 -12.17 13.97 -9.64
N VAL A 286 -12.93 13.34 -8.75
CA VAL A 286 -12.35 12.80 -7.52
C VAL A 286 -12.43 11.29 -7.65
N ILE A 287 -11.29 10.62 -7.53
CA ILE A 287 -11.23 9.17 -7.64
C ILE A 287 -11.00 8.53 -6.26
N GLY A 288 -11.94 7.70 -5.84
CA GLY A 288 -11.79 7.02 -4.55
C GLY A 288 -12.27 5.58 -4.68
N GLY A 289 -12.56 4.92 -3.56
CA GLY A 289 -13.02 3.53 -3.59
C GLY A 289 -14.38 3.37 -4.26
N GLY A 290 -15.10 4.47 -4.46
CA GLY A 290 -16.38 4.39 -5.16
C GLY A 290 -16.19 4.67 -6.65
N GLY A 291 -14.94 4.67 -7.10
CA GLY A 291 -14.65 4.94 -8.50
C GLY A 291 -14.64 6.44 -8.70
N ILE A 292 -15.33 6.94 -9.72
CA ILE A 292 -15.39 8.39 -9.94
C ILE A 292 -16.45 8.87 -8.95
N GLU A 293 -16.00 9.40 -7.83
CA GLU A 293 -16.88 9.84 -6.75
C GLU A 293 -17.47 11.24 -6.92
N GLN A 294 -16.75 12.10 -7.63
CA GLN A 294 -17.22 13.46 -7.89
C GLN A 294 -16.76 13.91 -9.26
N VAL A 295 -17.63 14.61 -9.97
CA VAL A 295 -17.25 15.21 -11.25
C VAL A 295 -17.36 16.69 -10.90
N ILE A 296 -16.22 17.36 -10.85
CA ILE A 296 -16.17 18.77 -10.46
C ILE A 296 -16.61 19.69 -11.59
N GLU A 297 -17.59 20.55 -11.30
CA GLU A 297 -18.12 21.46 -12.30
C GLU A 297 -17.60 22.85 -12.00
N LEU A 298 -16.61 23.30 -12.78
CA LEU A 298 -16.02 24.61 -12.59
C LEU A 298 -16.86 25.73 -13.18
N GLU A 299 -16.79 26.90 -12.55
CA GLU A 299 -17.49 28.07 -13.04
C GLU A 299 -16.68 28.70 -14.17
N LEU A 300 -16.72 28.09 -15.35
CA LEU A 300 -15.98 28.57 -16.51
C LEU A 300 -16.50 29.91 -17.03
N THR A 301 -15.58 30.78 -17.46
CA THR A 301 -15.98 32.08 -18.00
C THR A 301 -16.56 31.81 -19.39
N HIS A 302 -17.17 32.83 -19.99
CA HIS A 302 -17.74 32.67 -21.31
C HIS A 302 -16.65 32.26 -22.30
N GLU A 303 -15.47 32.86 -22.18
CA GLU A 303 -14.36 32.53 -23.07
C GLU A 303 -13.89 31.08 -22.93
N GLU A 304 -13.74 30.61 -21.69
CA GLU A 304 -13.32 29.24 -21.43
C GLU A 304 -14.41 28.28 -21.96
N GLN A 305 -15.67 28.65 -21.79
CA GLN A 305 -16.76 27.81 -22.28
C GLN A 305 -16.67 27.66 -23.80
N GLU A 306 -16.29 28.75 -24.47
CA GLU A 306 -16.17 28.69 -25.93
C GLU A 306 -15.06 27.71 -26.31
N CYS A 307 -13.93 27.76 -25.62
CA CYS A 307 -12.84 26.84 -25.93
C CYS A 307 -13.30 25.42 -25.61
N PHE A 308 -13.91 25.25 -24.44
CA PHE A 308 -14.37 23.92 -24.03
C PHE A 308 -15.36 23.33 -25.03
N ARG A 309 -16.26 24.18 -25.52
CA ARG A 309 -17.25 23.74 -26.49
C ARG A 309 -16.59 23.08 -27.69
N LYS A 310 -15.40 23.55 -28.07
CA LYS A 310 -14.69 22.94 -29.21
C LYS A 310 -14.33 21.48 -28.89
N SER A 311 -13.92 21.19 -27.66
CA SER A 311 -13.61 19.80 -27.30
C SER A 311 -14.92 19.01 -27.32
N VAL A 312 -15.96 19.59 -26.75
CA VAL A 312 -17.25 18.92 -26.71
C VAL A 312 -17.65 18.54 -28.13
N ASP A 313 -17.64 19.52 -29.03
CA ASP A 313 -18.01 19.27 -30.43
C ASP A 313 -17.21 18.12 -31.05
N ASP A 314 -15.90 18.08 -30.77
CA ASP A 314 -15.03 17.01 -31.28
C ASP A 314 -15.50 15.63 -30.82
N VAL A 315 -15.73 15.52 -29.52
CA VAL A 315 -16.17 14.25 -28.94
C VAL A 315 -17.54 13.86 -29.48
N VAL A 316 -18.46 14.80 -29.48
CA VAL A 316 -19.82 14.53 -29.97
C VAL A 316 -19.78 14.01 -31.42
N GLU A 317 -18.92 14.62 -32.24
CA GLU A 317 -18.84 14.19 -33.63
C GLU A 317 -18.24 12.78 -33.75
N LEU A 318 -17.20 12.49 -32.98
CA LEU A 318 -16.60 11.17 -33.00
C LEU A 318 -17.60 10.13 -32.51
N ASN A 319 -18.35 10.47 -31.46
CA ASN A 319 -19.33 9.54 -30.95
C ASN A 319 -20.43 9.26 -31.97
N LYS A 320 -20.77 10.25 -32.79
CA LYS A 320 -21.81 10.03 -33.81
C LYS A 320 -21.32 8.93 -34.76
N SER A 321 -20.05 8.99 -35.12
CA SER A 321 -19.48 7.97 -36.00
C SER A 321 -19.43 6.63 -35.27
N LEU A 322 -19.04 6.67 -34.00
CA LEU A 322 -18.97 5.45 -33.20
C LEU A 322 -20.32 4.72 -33.31
N ALA A 323 -21.40 5.45 -33.04
CA ALA A 323 -22.74 4.89 -33.11
C ALA A 323 -23.00 4.32 -34.50
N ALA A 324 -22.60 5.07 -35.53
CA ALA A 324 -22.80 4.66 -36.91
C ALA A 324 -21.99 3.44 -37.33
N LEU A 325 -21.64 2.58 -36.36
CA LEU A 325 -20.88 1.37 -36.68
C LEU A 325 -21.75 0.12 -36.57
N GLY B 3 -21.68 2.42 -1.51
CA GLY B 3 -21.07 2.99 -2.75
C GLY B 3 -19.60 2.64 -2.91
N THR B 4 -18.88 2.52 -1.79
CA THR B 4 -17.46 2.18 -1.83
C THR B 4 -17.23 0.71 -2.18
N VAL B 5 -16.59 0.49 -3.32
CA VAL B 5 -16.26 -0.84 -3.82
C VAL B 5 -14.91 -1.28 -3.23
N SER B 6 -13.95 -0.38 -3.21
CA SER B 6 -12.63 -0.68 -2.68
C SER B 6 -12.45 0.01 -1.34
N ARG B 7 -12.63 -0.71 -0.24
CA ARG B 7 -12.49 -0.08 1.07
C ARG B 7 -11.05 -0.19 1.58
N ARG B 8 -10.64 0.76 2.41
CA ARG B 8 -9.29 0.73 2.95
C ARG B 8 -9.22 -0.35 4.01
N LYS B 9 -8.01 -0.81 4.30
CA LYS B 9 -7.82 -1.79 5.35
C LYS B 9 -8.05 -0.99 6.64
N LYS B 10 -8.30 -1.71 7.73
CA LYS B 10 -8.57 -1.08 9.02
C LYS B 10 -7.80 -1.81 10.09
N ILE B 11 -7.10 -1.05 10.93
CA ILE B 11 -6.33 -1.65 12.02
C ILE B 11 -6.78 -1.01 13.32
N ALA B 12 -7.14 -1.83 14.30
CA ALA B 12 -7.56 -1.31 15.59
C ALA B 12 -6.39 -1.43 16.57
N MET B 13 -5.98 -0.32 17.19
CA MET B 13 -4.91 -0.37 18.18
C MET B 13 -5.64 -0.44 19.53
N ILE B 14 -5.63 -1.61 20.17
CA ILE B 14 -6.27 -1.76 21.49
C ILE B 14 -5.15 -1.41 22.47
N GLY B 15 -5.17 -0.16 22.90
CA GLY B 15 -4.15 0.38 23.79
C GLY B 15 -3.63 1.57 22.98
N SER B 16 -3.81 2.77 23.50
CA SER B 16 -3.38 3.97 22.79
C SER B 16 -2.23 4.70 23.49
N GLY B 17 -1.35 3.93 24.10
CA GLY B 17 -0.18 4.47 24.77
C GLY B 17 0.86 4.85 23.72
N MET B 18 2.13 4.91 24.12
CA MET B 18 3.17 5.31 23.18
C MET B 18 3.25 4.39 21.97
N ILE B 19 3.21 3.07 22.20
CA ILE B 19 3.29 2.17 21.07
C ILE B 19 2.04 2.32 20.17
N GLY B 20 0.85 2.29 20.76
CA GLY B 20 -0.38 2.44 19.98
C GLY B 20 -0.41 3.71 19.13
N GLY B 21 -0.11 4.86 19.74
CA GLY B 21 -0.14 6.12 19.00
C GLY B 21 0.89 6.14 17.86
N THR B 22 2.02 5.47 18.12
CA THR B 22 3.11 5.39 17.15
C THR B 22 2.75 4.45 16.00
N MET B 23 2.07 3.35 16.29
CA MET B 23 1.65 2.44 15.21
C MET B 23 0.63 3.20 14.35
N GLY B 24 -0.19 4.03 15.00
CA GLY B 24 -1.14 4.84 14.25
C GLY B 24 -0.38 5.80 13.29
N TYR B 25 0.70 6.38 13.79
CA TYR B 25 1.54 7.29 12.99
C TYR B 25 2.11 6.57 11.75
N LEU B 26 2.59 5.36 11.96
CA LEU B 26 3.15 4.57 10.87
C LEU B 26 2.07 4.32 9.81
N CYS B 27 0.84 4.02 10.24
CA CYS B 27 -0.23 3.79 9.26
C CYS B 27 -0.47 5.05 8.41
N VAL B 28 -0.41 6.21 9.05
CA VAL B 28 -0.59 7.50 8.37
C VAL B 28 0.56 7.72 7.34
N LEU B 29 1.79 7.54 7.79
CA LEU B 29 2.96 7.76 6.92
C LEU B 29 2.98 6.86 5.69
N ARG B 30 2.61 5.59 5.88
CA ARG B 30 2.60 4.59 4.81
C ARG B 30 1.23 4.47 4.13
N GLU B 31 0.24 5.19 4.65
CA GLU B 31 -1.14 5.11 4.13
C GLU B 31 -1.52 3.62 4.13
N LEU B 32 -1.17 2.94 5.22
CA LEU B 32 -1.41 1.50 5.31
C LEU B 32 -2.85 1.10 5.57
N ALA B 33 -3.55 1.90 6.36
CA ALA B 33 -4.92 1.56 6.75
C ALA B 33 -5.55 2.64 7.60
N ASP B 34 -6.87 2.59 7.68
CA ASP B 34 -7.57 3.49 8.58
C ASP B 34 -7.17 2.95 9.96
N VAL B 35 -7.15 3.85 10.95
CA VAL B 35 -6.76 3.51 12.31
C VAL B 35 -7.79 3.88 13.37
N VAL B 36 -8.02 2.96 14.32
CA VAL B 36 -8.87 3.24 15.46
C VAL B 36 -7.96 3.12 16.70
N LEU B 37 -7.82 4.24 17.42
CA LEU B 37 -6.99 4.28 18.62
C LEU B 37 -7.96 4.04 19.77
N PHE B 38 -7.96 2.79 20.23
CA PHE B 38 -8.86 2.38 21.29
C PHE B 38 -8.19 2.33 22.64
N ASP B 39 -8.88 2.85 23.65
CA ASP B 39 -8.36 2.77 25.01
C ASP B 39 -9.48 3.14 25.96
N VAL B 40 -9.41 2.61 27.16
CA VAL B 40 -10.42 2.94 28.17
C VAL B 40 -9.75 4.03 28.99
N VAL B 41 -9.53 5.15 28.30
CA VAL B 41 -8.91 6.32 28.89
C VAL B 41 -9.68 7.46 28.24
N THR B 42 -9.96 8.49 29.03
CA THR B 42 -10.72 9.63 28.52
C THR B 42 -9.77 10.67 27.94
N GLY B 43 -10.18 11.24 26.82
CA GLY B 43 -9.40 12.28 26.18
C GLY B 43 -8.10 11.93 25.49
N MET B 44 -7.17 11.29 26.19
CA MET B 44 -5.89 10.99 25.57
C MET B 44 -5.95 10.32 24.18
N PRO B 45 -6.73 9.24 24.02
CA PRO B 45 -6.79 8.61 22.70
C PRO B 45 -7.32 9.60 21.63
N GLU B 46 -8.28 10.44 21.99
CA GLU B 46 -8.78 11.40 21.01
C GLU B 46 -7.68 12.44 20.67
N GLY B 47 -6.88 12.81 21.66
CA GLY B 47 -5.81 13.76 21.39
C GLY B 47 -4.80 13.17 20.41
N LYS B 48 -4.46 11.90 20.59
CA LYS B 48 -3.50 11.26 19.69
C LYS B 48 -4.12 11.04 18.31
N ALA B 49 -5.43 10.74 18.25
CA ALA B 49 -6.08 10.54 16.94
C ALA B 49 -6.07 11.86 16.16
N LEU B 50 -6.30 12.98 16.86
CA LEU B 50 -6.27 14.27 16.19
C LEU B 50 -4.85 14.55 15.68
N ASP B 51 -3.85 14.26 16.52
CA ASP B 51 -2.45 14.48 16.15
C ASP B 51 -2.07 13.62 14.93
N ASP B 52 -2.31 12.31 15.03
CA ASP B 52 -2.01 11.43 13.91
C ASP B 52 -2.81 11.79 12.66
N SER B 53 -4.10 12.10 12.83
CA SER B 53 -4.95 12.48 11.68
C SER B 53 -4.38 13.72 10.97
N GLN B 54 -3.95 14.69 11.75
CA GLN B 54 -3.40 15.91 11.18
C GLN B 54 -2.09 15.66 10.40
N ALA B 55 -1.36 14.63 10.79
CA ALA B 55 -0.13 14.28 10.07
C ALA B 55 -0.44 13.79 8.64
N THR B 56 -1.65 13.28 8.37
CA THR B 56 -1.94 12.82 7.00
C THR B 56 -1.76 13.97 5.98
N SER B 57 -2.12 15.19 6.37
CA SER B 57 -2.00 16.35 5.47
C SER B 57 -0.55 16.58 5.02
N ILE B 58 0.39 16.55 5.97
CA ILE B 58 1.79 16.79 5.65
C ILE B 58 2.38 15.62 4.88
N ALA B 59 1.93 14.41 5.21
CA ALA B 59 2.41 13.23 4.50
C ALA B 59 1.76 13.09 3.14
N ASP B 60 0.73 13.90 2.89
CA ASP B 60 -0.07 13.87 1.65
C ASP B 60 -0.73 12.49 1.48
N THR B 61 -1.15 11.90 2.59
CA THR B 61 -1.79 10.60 2.50
C THR B 61 -3.24 10.76 2.96
N ASN B 62 -4.04 9.73 2.78
CA ASN B 62 -5.42 9.84 3.27
C ASN B 62 -5.91 8.55 3.93
N VAL B 63 -5.86 8.52 5.26
CA VAL B 63 -6.45 7.41 6.01
C VAL B 63 -7.18 8.12 7.12
N SER B 64 -8.16 7.46 7.71
CA SER B 64 -8.94 8.02 8.80
C SER B 64 -8.37 7.53 10.13
N VAL B 65 -8.13 8.46 11.06
CA VAL B 65 -7.63 8.07 12.38
C VAL B 65 -8.67 8.59 13.37
N THR B 66 -9.29 7.66 14.10
CA THR B 66 -10.30 8.02 15.08
C THR B 66 -9.96 7.36 16.40
N SER B 67 -10.67 7.74 17.46
CA SER B 67 -10.44 7.15 18.77
C SER B 67 -11.73 6.48 19.21
N ALA B 68 -11.63 5.54 20.15
CA ALA B 68 -12.80 4.82 20.63
C ALA B 68 -12.58 4.28 22.04
N ASN B 69 -13.68 3.99 22.75
CA ASN B 69 -13.56 3.39 24.06
C ASN B 69 -14.56 2.21 24.18
N GLN B 70 -15.38 2.01 23.15
CA GLN B 70 -16.37 0.92 23.09
C GLN B 70 -15.95 -0.05 21.98
N TYR B 71 -15.92 -1.35 22.28
CA TYR B 71 -15.49 -2.33 21.30
C TYR B 71 -16.28 -2.36 19.98
N GLU B 72 -17.55 -1.94 19.98
CA GLU B 72 -18.27 -1.97 18.72
C GLU B 72 -17.54 -1.16 17.65
N LYS B 73 -16.73 -0.20 18.08
CA LYS B 73 -15.99 0.64 17.12
C LYS B 73 -14.85 -0.14 16.43
N ILE B 74 -14.50 -1.34 16.90
CA ILE B 74 -13.44 -2.07 16.19
C ILE B 74 -14.03 -3.08 15.20
N ALA B 75 -15.35 -3.01 15.01
CA ALA B 75 -16.01 -3.91 14.08
C ALA B 75 -15.39 -3.73 12.69
N GLY B 76 -15.19 -4.85 12.01
CA GLY B 76 -14.64 -4.79 10.67
C GLY B 76 -13.13 -4.62 10.57
N SER B 77 -12.43 -4.62 11.70
CA SER B 77 -10.96 -4.50 11.68
C SER B 77 -10.33 -5.69 11.00
N ASP B 78 -9.33 -5.44 10.17
CA ASP B 78 -8.61 -6.50 9.50
C ASP B 78 -7.50 -6.99 10.40
N VAL B 79 -6.94 -6.05 11.16
CA VAL B 79 -5.89 -6.39 12.10
C VAL B 79 -6.18 -5.68 13.41
N VAL B 80 -5.83 -6.35 14.50
CA VAL B 80 -6.00 -5.80 15.83
C VAL B 80 -4.63 -5.91 16.50
N ILE B 81 -4.11 -4.80 17.02
CA ILE B 81 -2.81 -4.88 17.71
C ILE B 81 -3.03 -4.45 19.17
N ILE B 82 -2.76 -5.39 20.06
CA ILE B 82 -3.02 -5.18 21.49
C ILE B 82 -1.82 -4.83 22.36
N THR B 83 -1.82 -3.61 22.89
CA THR B 83 -0.75 -3.18 23.79
C THR B 83 -1.37 -2.88 25.16
N ALA B 84 -2.67 -3.06 25.31
CA ALA B 84 -3.32 -2.75 26.59
C ALA B 84 -2.79 -3.62 27.73
N GLY B 85 -2.78 -3.07 28.95
CA GLY B 85 -2.29 -3.83 30.08
C GLY B 85 -1.21 -3.10 30.85
N LEU B 86 -0.88 -3.59 32.04
CA LEU B 86 0.16 -2.96 32.83
C LEU B 86 1.54 -3.23 32.27
N THR B 87 2.44 -2.27 32.44
CA THR B 87 3.81 -2.40 32.00
C THR B 87 4.74 -2.60 33.20
N LYS B 88 4.23 -2.28 34.39
CA LYS B 88 4.99 -2.44 35.64
C LYS B 88 4.02 -2.68 36.79
N VAL B 89 4.55 -3.12 37.93
CA VAL B 89 3.72 -3.38 39.11
C VAL B 89 3.74 -2.17 40.05
N SER B 98 9.21 -7.90 38.02
CA SER B 98 9.30 -8.87 36.93
C SER B 98 8.08 -8.89 36.01
N ARG B 99 8.31 -9.00 34.70
CA ARG B 99 7.19 -9.05 33.75
C ARG B 99 6.30 -10.26 34.07
N ASN B 100 6.90 -11.32 34.61
CA ASN B 100 6.15 -12.51 34.98
C ASN B 100 5.07 -12.10 35.97
N ASP B 101 5.41 -11.14 36.84
CA ASP B 101 4.47 -10.66 37.86
C ASP B 101 3.25 -9.95 37.30
N LEU B 102 3.32 -9.54 36.03
CA LEU B 102 2.19 -8.86 35.41
C LEU B 102 1.03 -9.80 35.11
N LEU B 103 1.33 -11.09 35.03
CA LEU B 103 0.34 -12.12 34.73
C LEU B 103 -1.10 -11.95 35.23
N PRO B 104 -1.32 -11.91 36.55
CA PRO B 104 -2.68 -11.76 37.10
C PRO B 104 -3.46 -10.57 36.57
N PHE B 105 -2.82 -9.39 36.56
CA PHE B 105 -3.47 -8.17 36.12
C PHE B 105 -3.76 -8.13 34.62
N ASN B 106 -2.78 -8.54 33.82
CA ASN B 106 -2.95 -8.48 32.38
C ASN B 106 -3.80 -9.61 31.80
N ALA B 107 -3.86 -10.75 32.47
CA ALA B 107 -4.69 -11.85 31.98
C ALA B 107 -6.15 -11.36 31.98
N LYS B 108 -6.54 -10.61 33.00
CA LYS B 108 -7.89 -10.10 33.09
C LYS B 108 -8.17 -9.11 31.95
N ILE B 109 -7.21 -8.23 31.68
CA ILE B 109 -7.38 -7.24 30.62
C ILE B 109 -7.45 -7.91 29.24
N ILE B 110 -6.55 -8.86 29.01
CA ILE B 110 -6.51 -9.57 27.74
C ILE B 110 -7.82 -10.34 27.54
N ARG B 111 -8.38 -10.91 28.60
CA ARG B 111 -9.64 -11.62 28.43
C ARG B 111 -10.76 -10.67 28.04
N GLU B 112 -10.73 -9.43 28.53
CA GLU B 112 -11.76 -8.48 28.16
C GLU B 112 -11.59 -8.12 26.68
N VAL B 113 -10.35 -7.94 26.25
CA VAL B 113 -10.08 -7.60 24.86
C VAL B 113 -10.53 -8.75 23.96
N ALA B 114 -10.22 -9.99 24.37
CA ALA B 114 -10.64 -11.16 23.61
C ALA B 114 -12.16 -11.19 23.42
N GLN B 115 -12.92 -10.80 24.44
CA GLN B 115 -14.39 -10.80 24.30
C GLN B 115 -14.81 -9.75 23.30
N GLY B 116 -14.14 -8.60 23.33
CA GLY B 116 -14.47 -7.54 22.38
C GLY B 116 -14.18 -7.97 20.94
N VAL B 117 -13.00 -8.57 20.73
CA VAL B 117 -12.61 -9.03 19.37
C VAL B 117 -13.51 -10.18 18.90
N LYS B 118 -13.77 -11.14 19.79
CA LYS B 118 -14.61 -12.27 19.44
C LYS B 118 -15.98 -11.81 18.98
N LYS B 119 -16.51 -10.77 19.63
CA LYS B 119 -17.83 -10.28 19.26
C LYS B 119 -17.88 -9.40 18.01
N TYR B 120 -16.95 -8.45 17.93
CA TYR B 120 -16.97 -7.48 16.84
C TYR B 120 -16.07 -7.64 15.61
N CYS B 121 -14.94 -8.32 15.76
CA CYS B 121 -14.05 -8.54 14.60
C CYS B 121 -13.32 -9.87 14.74
N PRO B 122 -14.08 -10.96 14.87
CA PRO B 122 -13.47 -12.29 15.01
C PRO B 122 -12.68 -12.76 13.80
N LEU B 123 -12.89 -12.13 12.65
CA LEU B 123 -12.15 -12.54 11.44
C LEU B 123 -10.84 -11.76 11.29
N ALA B 124 -10.52 -10.95 12.28
CA ALA B 124 -9.26 -10.18 12.23
C ALA B 124 -8.02 -11.04 12.48
N PHE B 125 -6.86 -10.50 12.09
CA PHE B 125 -5.55 -11.11 12.37
C PHE B 125 -5.15 -10.35 13.66
N VAL B 126 -4.79 -11.08 14.70
CA VAL B 126 -4.47 -10.44 15.98
C VAL B 126 -3.01 -10.52 16.38
N ILE B 127 -2.43 -9.38 16.72
CA ILE B 127 -1.04 -9.31 17.13
C ILE B 127 -1.01 -8.77 18.56
N VAL B 128 -0.64 -9.63 19.50
CA VAL B 128 -0.59 -9.25 20.91
C VAL B 128 0.80 -8.71 21.25
N VAL B 129 0.86 -7.67 22.08
CA VAL B 129 2.14 -7.10 22.51
C VAL B 129 2.25 -7.16 24.05
N THR B 130 1.11 -7.16 24.71
CA THR B 130 1.00 -7.21 26.17
C THR B 130 1.88 -8.25 26.86
N ASN B 131 2.63 -7.84 27.89
CA ASN B 131 3.51 -8.76 28.64
C ASN B 131 2.77 -9.39 29.84
N PRO B 132 3.18 -10.61 30.28
CA PRO B 132 4.28 -11.43 29.72
C PRO B 132 3.73 -11.96 28.38
N LEU B 133 4.41 -11.60 27.31
CA LEU B 133 3.97 -11.90 25.95
C LEU B 133 3.51 -13.32 25.57
N ASP B 134 4.40 -14.30 25.62
CA ASP B 134 4.03 -15.64 25.21
C ASP B 134 2.82 -16.18 25.96
N CYS B 135 2.76 -15.86 27.25
CA CYS B 135 1.65 -16.28 28.08
C CYS B 135 0.37 -15.53 27.72
N MET B 136 0.49 -14.22 27.51
CA MET B 136 -0.69 -13.42 27.16
C MET B 136 -1.23 -13.80 25.78
N VAL B 137 -0.36 -14.21 24.87
CA VAL B 137 -0.86 -14.59 23.55
C VAL B 137 -1.72 -15.85 23.69
N LYS B 138 -1.27 -16.79 24.53
CA LYS B 138 -2.01 -18.02 24.77
C LYS B 138 -3.35 -17.68 25.42
N CYS B 139 -3.30 -16.77 26.38
CA CYS B 139 -4.50 -16.32 27.09
C CYS B 139 -5.51 -15.73 26.10
N PHE B 140 -5.03 -14.86 25.20
CA PHE B 140 -5.94 -14.27 24.21
C PHE B 140 -6.52 -15.34 23.30
N HIS B 141 -5.67 -16.23 22.82
CA HIS B 141 -6.13 -17.28 21.92
C HIS B 141 -7.24 -18.14 22.56
N GLU B 142 -6.99 -18.56 23.80
CA GLU B 142 -7.96 -19.40 24.51
C GLU B 142 -9.28 -18.66 24.74
N ALA B 143 -9.21 -17.41 25.19
CA ALA B 143 -10.42 -16.67 25.47
C ALA B 143 -11.19 -16.22 24.23
N SER B 144 -10.49 -15.90 23.15
CA SER B 144 -11.18 -15.41 21.94
C SER B 144 -11.75 -16.49 21.03
N GLY B 145 -11.16 -17.69 21.03
CA GLY B 145 -11.66 -18.74 20.14
C GLY B 145 -11.21 -18.60 18.69
N LEU B 146 -10.30 -17.66 18.41
CA LEU B 146 -9.85 -17.47 17.02
C LEU B 146 -8.94 -18.57 16.54
N PRO B 147 -8.88 -18.76 15.21
CA PRO B 147 -8.04 -19.81 14.59
C PRO B 147 -6.60 -19.58 15.00
N LYS B 148 -5.84 -20.68 15.16
CA LYS B 148 -4.44 -20.54 15.59
C LYS B 148 -3.55 -19.73 14.62
N ASN B 149 -3.86 -19.74 13.33
CA ASN B 149 -3.07 -18.97 12.36
C ASN B 149 -3.36 -17.47 12.40
N MET B 150 -4.38 -17.05 13.14
CA MET B 150 -4.76 -15.64 13.18
C MET B 150 -4.42 -14.91 14.46
N VAL B 151 -3.64 -15.57 15.31
CA VAL B 151 -3.23 -15.01 16.59
C VAL B 151 -1.72 -15.18 16.78
N CYS B 152 -1.02 -14.09 17.12
CA CYS B 152 0.42 -14.21 17.35
C CYS B 152 0.85 -13.07 18.26
N GLY B 153 2.10 -13.13 18.72
CA GLY B 153 2.61 -12.09 19.61
C GLY B 153 3.89 -11.47 19.09
N MET B 154 4.00 -10.15 19.23
CA MET B 154 5.21 -9.44 18.79
C MET B 154 6.24 -9.34 19.93
N ALA B 155 7.42 -9.89 19.69
CA ALA B 155 8.53 -9.76 20.63
C ALA B 155 9.80 -10.00 19.86
N ASN B 156 9.93 -11.20 19.28
CA ASN B 156 11.16 -11.55 18.58
C ASN B 156 11.55 -10.63 17.40
N VAL B 157 10.60 -9.98 16.73
CA VAL B 157 11.01 -9.08 15.64
C VAL B 157 11.82 -7.92 16.25
N LEU B 158 11.33 -7.42 17.40
CA LEU B 158 12.02 -6.35 18.11
C LEU B 158 13.38 -6.85 18.63
N ASP B 159 13.39 -8.03 19.25
CA ASP B 159 14.65 -8.59 19.77
C ASP B 159 15.66 -8.74 18.64
N SER B 160 15.19 -9.26 17.51
CA SER B 160 16.05 -9.46 16.35
C SER B 160 16.54 -8.14 15.76
N ALA B 161 15.71 -7.09 15.84
CA ALA B 161 16.09 -5.78 15.32
C ALA B 161 17.31 -5.31 16.10
N ARG B 162 17.30 -5.51 17.42
CA ARG B 162 18.43 -5.12 18.24
C ARG B 162 19.67 -5.95 17.90
N PHE B 163 19.49 -7.27 17.84
CA PHE B 163 20.56 -8.21 17.52
C PHE B 163 21.20 -7.78 16.19
N ARG B 164 20.35 -7.47 15.21
CA ARG B 164 20.82 -7.05 13.88
C ARG B 164 21.55 -5.71 13.88
N ARG B 165 21.01 -4.74 14.61
CA ARG B 165 21.63 -3.41 14.66
C ARG B 165 23.05 -3.49 15.25
N PHE B 166 23.19 -4.25 16.33
CA PHE B 166 24.50 -4.40 17.00
C PHE B 166 25.51 -5.07 16.07
N ILE B 167 25.05 -6.09 15.33
CA ILE B 167 25.95 -6.79 14.42
C ILE B 167 26.28 -5.88 13.25
N ALA B 168 25.28 -5.16 12.75
CA ALA B 168 25.49 -4.25 11.63
C ALA B 168 26.53 -3.19 12.01
N ASP B 169 26.43 -2.66 13.23
CA ASP B 169 27.38 -1.64 13.67
C ASP B 169 28.82 -2.17 13.66
N GLN B 170 28.98 -3.39 14.14
CA GLN B 170 30.30 -4.00 14.20
C GLN B 170 30.87 -4.33 12.83
N LEU B 171 30.06 -4.84 11.92
CA LEU B 171 30.57 -5.22 10.61
C LEU B 171 30.56 -4.11 9.57
N GLU B 172 29.97 -2.96 9.91
CA GLU B 172 29.86 -1.82 9.01
C GLU B 172 29.09 -2.20 7.75
N ILE B 173 27.92 -2.80 7.98
CA ILE B 173 27.05 -3.25 6.92
C ILE B 173 25.64 -2.87 7.35
N SER B 174 24.79 -2.50 6.40
CA SER B 174 23.41 -2.13 6.72
C SER B 174 22.65 -3.28 7.40
N PRO B 175 21.74 -2.99 8.35
CA PRO B 175 21.03 -4.11 8.98
C PRO B 175 20.13 -4.86 7.99
N ARG B 176 19.85 -4.25 6.84
CA ARG B 176 19.06 -4.93 5.82
C ARG B 176 19.77 -6.24 5.44
N ASP B 177 21.11 -6.19 5.40
CA ASP B 177 21.88 -7.34 5.01
C ASP B 177 22.40 -8.22 6.13
N ILE B 178 21.88 -7.99 7.33
CA ILE B 178 22.23 -8.82 8.46
C ILE B 178 21.00 -9.64 8.82
N GLN B 179 21.12 -10.96 8.71
CA GLN B 179 20.02 -11.83 9.10
C GLN B 179 20.42 -12.38 10.48
N ALA B 180 19.70 -11.95 11.52
CA ALA B 180 19.98 -12.41 12.87
C ALA B 180 18.61 -12.57 13.48
N THR B 181 18.41 -13.71 14.11
CA THR B 181 17.13 -14.05 14.69
C THR B 181 17.22 -14.41 16.16
N VAL B 182 16.24 -13.93 16.91
CA VAL B 182 16.09 -14.26 18.31
C VAL B 182 14.80 -15.09 18.39
N ILE B 183 14.80 -16.20 19.13
CA ILE B 183 13.57 -16.96 19.31
C ILE B 183 13.38 -17.16 20.82
N GLY B 184 12.28 -17.79 21.22
CA GLY B 184 12.04 -18.00 22.64
C GLY B 184 11.21 -16.92 23.32
N THR B 185 11.33 -16.82 24.64
CA THR B 185 10.53 -15.87 25.41
C THR B 185 11.31 -14.63 25.83
N HIS B 186 10.75 -13.85 26.75
CA HIS B 186 11.41 -12.62 27.20
C HIS B 186 12.51 -12.83 28.24
N GLY B 187 13.23 -11.76 28.54
CA GLY B 187 14.27 -11.87 29.55
C GLY B 187 15.55 -12.53 29.10
N ASP B 188 16.34 -12.96 30.07
CA ASP B 188 17.62 -13.58 29.77
C ASP B 188 17.51 -14.96 29.14
N HIS B 189 16.30 -15.50 29.10
CA HIS B 189 16.18 -16.80 28.48
C HIS B 189 15.85 -16.68 26.98
N MET B 190 15.68 -15.46 26.48
CA MET B 190 15.43 -15.30 25.04
C MET B 190 16.66 -15.90 24.38
N LEU B 191 16.52 -16.36 23.15
CA LEU B 191 17.63 -17.02 22.48
C LEU B 191 18.12 -16.43 21.17
N PRO B 192 19.12 -15.55 21.24
CA PRO B 192 19.69 -14.94 20.04
C PRO B 192 20.47 -16.08 19.40
N LEU B 193 20.03 -16.53 18.22
CA LEU B 193 20.67 -17.65 17.53
C LEU B 193 21.96 -17.26 16.81
N ALA B 194 23.06 -17.21 17.56
CA ALA B 194 24.36 -16.83 17.04
C ALA B 194 24.81 -17.63 15.83
N ARG B 195 24.52 -18.93 15.83
CA ARG B 195 24.94 -19.78 14.74
C ARG B 195 24.20 -19.49 13.42
N TYR B 196 23.00 -18.92 13.50
CA TYR B 196 22.24 -18.62 12.28
C TYR B 196 22.39 -17.16 11.82
N VAL B 197 23.35 -16.43 12.38
CA VAL B 197 23.52 -15.06 11.94
C VAL B 197 24.25 -15.08 10.60
N THR B 198 23.70 -14.38 9.62
CA THR B 198 24.37 -14.31 8.31
C THR B 198 24.44 -12.89 7.78
N VAL B 199 25.38 -12.70 6.87
CA VAL B 199 25.58 -11.43 6.16
C VAL B 199 25.19 -11.84 4.75
N ASN B 200 23.98 -11.47 4.33
CA ASN B 200 23.45 -11.85 3.04
C ASN B 200 23.60 -13.36 2.78
N GLY B 201 23.26 -14.15 3.79
CA GLY B 201 23.34 -15.60 3.69
C GLY B 201 24.72 -16.19 3.99
N PHE B 202 25.76 -15.36 4.06
CA PHE B 202 27.12 -15.85 4.35
C PHE B 202 27.22 -15.97 5.86
N PRO B 203 27.56 -17.17 6.39
CA PRO B 203 27.65 -17.37 7.84
C PRO B 203 28.59 -16.41 8.55
N LEU B 204 28.14 -15.93 9.71
CA LEU B 204 28.93 -15.01 10.52
C LEU B 204 30.28 -15.65 10.90
N ARG B 205 30.29 -16.97 11.08
CA ARG B 205 31.53 -17.67 11.45
C ARG B 205 32.69 -17.39 10.46
N GLU B 206 32.38 -17.16 9.18
CA GLU B 206 33.43 -16.84 8.21
C GLU B 206 34.03 -15.46 8.51
N PHE B 207 33.18 -14.55 8.96
CA PHE B 207 33.63 -13.19 9.28
C PHE B 207 34.47 -13.21 10.56
N ILE B 208 34.09 -14.06 11.51
CA ILE B 208 34.81 -14.18 12.75
C ILE B 208 36.20 -14.74 12.40
N LYS B 209 36.23 -15.78 11.57
CA LYS B 209 37.50 -16.37 11.14
C LYS B 209 38.40 -15.31 10.52
N LYS B 210 37.83 -14.38 9.77
CA LYS B 210 38.59 -13.31 9.15
C LYS B 210 38.87 -12.19 10.15
N GLY B 211 38.47 -12.41 11.41
CA GLY B 211 38.68 -11.42 12.46
C GLY B 211 37.86 -10.14 12.34
N LYS B 212 36.78 -10.18 11.58
CA LYS B 212 35.92 -9.01 11.40
C LYS B 212 35.09 -8.80 12.66
N MET B 213 35.02 -9.85 13.47
CA MET B 213 34.31 -9.85 14.75
C MET B 213 34.87 -10.99 15.55
N THR B 214 35.07 -10.77 16.85
CA THR B 214 35.60 -11.82 17.71
C THR B 214 34.46 -12.60 18.36
N GLU B 215 34.76 -13.79 18.86
CA GLU B 215 33.75 -14.58 19.56
C GLU B 215 33.32 -13.79 20.78
N ALA B 216 34.25 -13.07 21.39
CA ALA B 216 33.95 -12.27 22.58
C ALA B 216 32.95 -11.15 22.26
N LYS B 217 33.15 -10.48 21.14
CA LYS B 217 32.26 -9.41 20.72
C LYS B 217 30.87 -10.01 20.42
N LEU B 218 30.85 -11.17 19.79
CA LEU B 218 29.58 -11.82 19.50
C LEU B 218 28.83 -12.11 20.80
N ALA B 219 29.55 -12.64 21.79
CA ALA B 219 28.90 -12.96 23.05
C ALA B 219 28.37 -11.67 23.70
N GLU B 220 29.15 -10.60 23.62
CA GLU B 220 28.75 -9.33 24.18
C GLU B 220 27.45 -8.87 23.50
N ILE B 221 27.38 -9.07 22.19
CA ILE B 221 26.20 -8.68 21.41
C ILE B 221 24.99 -9.53 21.80
N VAL B 222 25.22 -10.82 22.01
CA VAL B 222 24.13 -11.70 22.41
C VAL B 222 23.59 -11.22 23.76
N GLU B 223 24.50 -10.90 24.68
CA GLU B 223 24.07 -10.44 26.00
C GLU B 223 23.37 -9.08 25.88
N ARG B 224 23.91 -8.21 25.05
CA ARG B 224 23.33 -6.89 24.91
C ARG B 224 21.90 -6.96 24.36
N THR B 225 21.66 -7.93 23.49
CA THR B 225 20.34 -8.13 22.87
C THR B 225 19.33 -8.47 23.96
N LYS B 226 19.74 -9.31 24.91
CA LYS B 226 18.88 -9.71 26.02
C LYS B 226 18.57 -8.53 26.94
N LYS B 227 19.57 -7.70 27.20
CA LYS B 227 19.42 -6.57 28.11
C LYS B 227 18.92 -5.28 27.48
N ALA B 228 18.78 -5.26 26.16
CA ALA B 228 18.40 -4.05 25.43
C ALA B 228 17.14 -3.33 25.90
N GLY B 229 16.05 -4.06 26.08
CA GLY B 229 14.82 -3.40 26.51
C GLY B 229 14.96 -2.76 27.88
N GLY B 230 15.61 -3.47 28.80
CA GLY B 230 15.82 -2.93 30.14
C GLY B 230 16.71 -1.71 30.14
N GLU B 231 17.70 -1.69 29.24
CA GLU B 231 18.61 -0.55 29.15
C GLU B 231 17.84 0.72 28.76
N ILE B 232 16.91 0.56 27.82
CA ILE B 232 16.12 1.68 27.38
C ILE B 232 15.23 2.15 28.54
N VAL B 233 14.64 1.21 29.26
CA VAL B 233 13.81 1.55 30.41
C VAL B 233 14.64 2.36 31.40
N ARG B 234 15.83 1.87 31.71
CA ARG B 234 16.71 2.56 32.66
C ARG B 234 17.01 3.98 32.21
N LEU B 235 17.37 4.12 30.93
CA LEU B 235 17.70 5.41 30.36
C LEU B 235 16.55 6.40 30.23
N LEU B 236 15.39 5.93 29.76
CA LEU B 236 14.23 6.80 29.64
C LEU B 236 13.79 7.31 31.01
N GLY B 237 13.96 6.48 32.05
CA GLY B 237 13.55 6.91 33.38
C GLY B 237 12.08 6.70 33.66
N GLN B 238 11.28 6.70 32.59
CA GLN B 238 9.84 6.48 32.68
C GLN B 238 9.44 5.78 31.38
N GLY B 239 8.57 4.79 31.47
CA GLY B 239 8.12 4.09 30.28
C GLY B 239 9.14 3.12 29.69
N SER B 240 8.92 2.73 28.45
CA SER B 240 9.81 1.79 27.79
C SER B 240 9.85 2.13 26.29
N ALA B 241 10.65 1.37 25.55
CA ALA B 241 10.79 1.62 24.11
C ALA B 241 9.44 1.60 23.39
N TYR B 242 9.32 2.38 22.32
CA TYR B 242 8.09 2.41 21.53
C TYR B 242 8.32 2.57 20.03
N TYR B 243 9.40 3.23 19.64
CA TYR B 243 9.66 3.41 18.22
C TYR B 243 9.93 2.10 17.49
N ALA B 244 10.87 1.30 17.98
CA ALA B 244 11.16 0.03 17.32
C ALA B 244 10.01 -0.96 17.56
N PRO B 245 9.42 -0.99 18.77
CA PRO B 245 8.32 -1.93 19.01
C PRO B 245 7.13 -1.65 18.04
N ALA B 246 6.79 -0.39 17.88
CA ALA B 246 5.67 -0.01 16.99
C ALA B 246 5.95 -0.46 15.57
N LEU B 247 7.17 -0.22 15.08
CA LEU B 247 7.49 -0.60 13.70
C LEU B 247 7.51 -2.13 13.56
N SER B 248 7.96 -2.81 14.62
CA SER B 248 8.00 -4.27 14.59
C SER B 248 6.58 -4.82 14.41
N ALA B 249 5.64 -4.31 15.18
CA ALA B 249 4.26 -4.78 15.09
C ALA B 249 3.60 -4.42 13.76
N ILE B 250 3.86 -3.20 13.29
CA ILE B 250 3.27 -2.78 12.02
C ILE B 250 3.87 -3.55 10.82
N THR B 251 5.13 -3.97 10.93
CA THR B 251 5.74 -4.74 9.84
C THR B 251 5.04 -6.10 9.76
N MET B 252 4.69 -6.66 10.92
CA MET B 252 3.96 -7.93 10.95
C MET B 252 2.54 -7.70 10.38
N ALA B 253 1.90 -6.60 10.77
CA ALA B 253 0.54 -6.29 10.27
C ALA B 253 0.51 -6.11 8.74
N GLN B 254 1.50 -5.40 8.22
CA GLN B 254 1.56 -5.17 6.77
C GLN B 254 1.83 -6.46 6.01
N ALA B 255 2.67 -7.32 6.56
CA ALA B 255 2.96 -8.61 5.91
C ALA B 255 1.64 -9.38 5.78
N PHE B 256 0.76 -9.24 6.76
CA PHE B 256 -0.54 -9.93 6.69
C PHE B 256 -1.45 -9.24 5.66
N LEU B 257 -1.61 -7.93 5.83
CA LEU B 257 -2.50 -7.18 4.97
C LEU B 257 -2.16 -7.24 3.49
N LYS B 258 -0.87 -7.20 3.17
CA LYS B 258 -0.45 -7.24 1.77
C LYS B 258 0.00 -8.62 1.32
N ASP B 259 -0.27 -9.64 2.15
CA ASP B 259 0.08 -11.02 1.83
C ASP B 259 1.51 -11.05 1.30
N GLU B 260 2.44 -10.51 2.08
CA GLU B 260 3.84 -10.43 1.67
C GLU B 260 4.65 -11.71 1.86
N LYS B 261 4.28 -12.51 2.85
CA LYS B 261 4.95 -13.77 3.15
C LYS B 261 6.38 -13.50 3.66
N ARG B 262 6.44 -12.67 4.71
CA ARG B 262 7.71 -12.27 5.33
C ARG B 262 8.09 -13.21 6.47
N VAL B 263 9.39 -13.46 6.60
CA VAL B 263 9.89 -14.28 7.70
C VAL B 263 10.06 -13.32 8.85
N LEU B 264 9.20 -13.45 9.85
CA LEU B 264 9.22 -12.58 11.01
C LEU B 264 9.05 -13.46 12.25
N PRO B 265 10.10 -13.58 13.07
CA PRO B 265 9.96 -14.41 14.27
C PRO B 265 8.92 -13.79 15.20
N CYS B 266 7.96 -14.61 15.65
CA CYS B 266 6.92 -14.10 16.55
C CYS B 266 6.34 -15.24 17.37
N SER B 267 5.56 -14.89 18.39
CA SER B 267 4.99 -15.91 19.25
C SER B 267 3.81 -16.57 18.53
N VAL B 268 3.97 -17.86 18.24
CA VAL B 268 2.99 -18.63 17.51
C VAL B 268 2.59 -19.91 18.20
N TYR B 269 1.41 -20.41 17.85
CA TYR B 269 0.87 -21.62 18.43
C TYR B 269 1.58 -22.86 17.90
N CYS B 270 2.00 -23.73 18.82
CA CYS B 270 2.68 -24.96 18.45
C CYS B 270 1.82 -26.21 18.63
N GLN B 271 1.87 -27.09 17.63
CA GLN B 271 1.17 -28.37 17.68
C GLN B 271 2.19 -29.36 17.11
N GLY B 272 3.32 -29.47 17.79
CA GLY B 272 4.35 -30.41 17.35
C GLY B 272 5.69 -29.78 17.02
N GLU B 273 5.67 -28.55 16.52
CA GLU B 273 6.94 -27.89 16.17
C GLU B 273 7.82 -27.81 17.40
N TYR B 274 9.10 -28.15 17.23
CA TYR B 274 10.08 -28.15 18.32
C TYR B 274 9.64 -29.06 19.47
N GLY B 275 8.76 -30.01 19.16
CA GLY B 275 8.25 -30.93 20.16
C GLY B 275 7.35 -30.25 21.18
N LEU B 276 6.84 -29.07 20.83
CA LEU B 276 5.97 -28.31 21.72
C LEU B 276 4.50 -28.43 21.36
N HIS B 277 3.64 -28.45 22.37
CA HIS B 277 2.20 -28.57 22.16
C HIS B 277 1.37 -27.66 23.04
N ASP B 278 0.28 -27.15 22.46
CA ASP B 278 -0.66 -26.33 23.19
C ASP B 278 -0.06 -25.10 23.89
N MET B 279 0.84 -24.40 23.22
CA MET B 279 1.41 -23.21 23.83
C MET B 279 1.95 -22.33 22.70
N PHE B 280 2.12 -21.04 23.02
CA PHE B 280 2.68 -20.09 22.06
C PHE B 280 4.09 -19.76 22.54
N ILE B 281 5.03 -19.65 21.61
CA ILE B 281 6.38 -19.21 21.98
C ILE B 281 7.01 -18.58 20.73
N GLY B 282 7.96 -17.67 20.93
CA GLY B 282 8.60 -17.02 19.80
C GLY B 282 9.38 -17.98 18.91
N LEU B 283 8.99 -18.06 17.65
CA LEU B 283 9.66 -18.95 16.69
C LEU B 283 9.70 -18.28 15.32
N PRO B 284 10.61 -18.72 14.43
CA PRO B 284 10.66 -18.09 13.10
C PRO B 284 9.35 -18.49 12.39
N ALA B 285 8.67 -17.51 11.80
CA ALA B 285 7.40 -17.79 11.12
C ALA B 285 7.29 -16.98 9.84
N VAL B 286 6.39 -17.42 8.94
CA VAL B 286 6.16 -16.68 7.71
C VAL B 286 4.76 -16.09 7.85
N ILE B 287 4.66 -14.77 7.73
CA ILE B 287 3.38 -14.09 7.87
C ILE B 287 2.90 -13.65 6.49
N GLY B 288 1.69 -14.05 6.15
CA GLY B 288 1.12 -13.68 4.86
C GLY B 288 -0.38 -13.43 5.02
N GLY B 289 -1.08 -13.39 3.88
CA GLY B 289 -2.51 -13.16 3.87
C GLY B 289 -3.30 -14.27 4.55
N GLY B 290 -2.64 -15.39 4.85
CA GLY B 290 -3.31 -16.47 5.53
C GLY B 290 -2.94 -16.41 7.02
N GLY B 291 -2.34 -15.29 7.43
CA GLY B 291 -1.88 -15.12 8.81
C GLY B 291 -0.54 -15.83 8.99
N ILE B 292 -0.40 -16.68 10.01
CA ILE B 292 0.85 -17.42 10.22
C ILE B 292 0.77 -18.58 9.24
N GLU B 293 1.47 -18.46 8.12
CA GLU B 293 1.43 -19.47 7.07
C GLU B 293 2.41 -20.61 7.22
N GLN B 294 3.51 -20.33 7.91
CA GLN B 294 4.53 -21.34 8.13
C GLN B 294 5.19 -21.12 9.47
N VAL B 295 5.56 -22.21 10.14
CA VAL B 295 6.32 -22.11 11.39
C VAL B 295 7.57 -22.89 11.01
N ILE B 296 8.71 -22.21 11.04
CA ILE B 296 9.96 -22.82 10.62
C ILE B 296 10.61 -23.54 11.78
N GLU B 297 10.88 -24.83 11.61
CA GLU B 297 11.51 -25.63 12.65
C GLU B 297 12.98 -25.80 12.31
N LEU B 298 13.83 -25.07 13.02
CA LEU B 298 15.26 -25.11 12.79
C LEU B 298 15.90 -26.37 13.34
N GLU B 299 17.00 -26.80 12.72
CA GLU B 299 17.73 -27.97 13.18
C GLU B 299 18.67 -27.50 14.30
N LEU B 300 18.09 -27.25 15.47
CA LEU B 300 18.87 -26.79 16.60
C LEU B 300 19.83 -27.87 17.06
N THR B 301 21.05 -27.46 17.42
CA THR B 301 22.05 -28.40 17.93
C THR B 301 21.64 -28.73 19.36
N HIS B 302 22.33 -29.70 19.95
CA HIS B 302 22.03 -30.10 21.31
C HIS B 302 22.15 -28.94 22.29
N GLU B 303 23.20 -28.14 22.14
CA GLU B 303 23.41 -27.00 23.04
C GLU B 303 22.31 -25.96 22.88
N GLU B 304 21.92 -25.70 21.63
CA GLU B 304 20.85 -24.73 21.36
C GLU B 304 19.53 -25.22 21.94
N GLN B 305 19.27 -26.52 21.82
CA GLN B 305 18.04 -27.08 22.36
C GLN B 305 18.01 -26.88 23.87
N GLU B 306 19.17 -27.07 24.52
CA GLU B 306 19.19 -26.89 25.95
C GLU B 306 18.85 -25.44 26.34
N CYS B 307 19.37 -24.47 25.60
CA CYS B 307 19.06 -23.07 25.89
C CYS B 307 17.57 -22.83 25.62
N PHE B 308 17.08 -23.38 24.51
CA PHE B 308 15.68 -23.21 24.14
C PHE B 308 14.74 -23.80 25.19
N ARG B 309 15.10 -24.97 25.73
CA ARG B 309 14.29 -25.62 26.76
C ARG B 309 14.04 -24.73 27.96
N LYS B 310 15.01 -23.87 28.27
CA LYS B 310 14.85 -22.96 29.41
C LYS B 310 13.82 -21.90 29.07
N SER B 311 13.81 -21.48 27.82
CA SER B 311 12.83 -20.50 27.37
C SER B 311 11.46 -21.19 27.44
N VAL B 312 11.40 -22.42 26.93
CA VAL B 312 10.14 -23.16 26.95
C VAL B 312 9.64 -23.35 28.37
N ASP B 313 10.54 -23.72 29.29
CA ASP B 313 10.13 -23.94 30.66
C ASP B 313 9.58 -22.68 31.30
N ASP B 314 10.16 -21.52 30.97
CA ASP B 314 9.66 -20.26 31.51
C ASP B 314 8.22 -20.04 31.08
N VAL B 315 7.93 -20.30 29.81
CA VAL B 315 6.57 -20.12 29.29
C VAL B 315 5.59 -21.13 29.93
N VAL B 316 5.99 -22.40 29.98
CA VAL B 316 5.18 -23.45 30.57
C VAL B 316 4.81 -23.08 32.03
N GLU B 317 5.79 -22.59 32.79
CA GLU B 317 5.53 -22.19 34.17
C GLU B 317 4.48 -21.08 34.23
N LEU B 318 4.60 -20.06 33.38
CA LEU B 318 3.60 -19.00 33.38
C LEU B 318 2.21 -19.52 32.99
N ASN B 319 2.16 -20.35 31.95
CA ASN B 319 0.88 -20.91 31.52
C ASN B 319 0.27 -21.78 32.61
N LYS B 320 1.12 -22.44 33.40
CA LYS B 320 0.64 -23.25 34.51
C LYS B 320 -0.09 -22.31 35.48
N SER B 321 0.56 -21.19 35.82
CA SER B 321 -0.03 -20.19 36.70
C SER B 321 -1.28 -19.58 36.08
N LEU B 322 -1.27 -19.37 34.77
CA LEU B 322 -2.41 -18.80 34.06
C LEU B 322 -3.63 -19.70 34.22
N ALA B 323 -3.42 -21.01 34.04
CA ALA B 323 -4.50 -21.99 34.17
C ALA B 323 -5.05 -22.00 35.59
N ALA B 324 -4.15 -21.81 36.56
CA ALA B 324 -4.54 -21.79 37.97
C ALA B 324 -5.40 -20.57 38.31
N LEU B 325 -5.72 -19.75 37.31
CA LEU B 325 -6.55 -18.57 37.53
C LEU B 325 -7.99 -18.88 37.16
#